data_7Q2T
#
_entry.id   7Q2T
#
_cell.length_a   29.250
_cell.length_b   79.600
_cell.length_c   130.540
_cell.angle_alpha   90.000
_cell.angle_beta   90.000
_cell.angle_gamma   90.000
#
_symmetry.space_group_name_H-M   'C 2 2 21'
#
loop_
_entity.id
_entity.type
_entity.pdbx_description
1 polymer 'CB1 cannabinoid receptor-interacting protein 1'
2 non-polymer 'SODIUM ION'
3 non-polymer 'PHOSPHATE ION'
4 water water
#
_entity_poly.entity_id   1
_entity_poly.type   'polypeptide(L)'
_entity_poly.pdbx_seq_one_letter_code
;MGDLPGIVRLSIALRIQPNDGPVFFKVDGQRFGQNRTIKLLTGSSYKVEVKIKPTTLQVENISIGGVLVPLELKCKEPDG
ERVVYTGIYDTEGVAPTKSGERQPIQITMPFTDIGTFETVWQVKFYNYHKRDHCQWGSPFSVIEYECKPNETRSLMWVNK
ESFL
;
_entity_poly.pdbx_strand_id   XXX
#
loop_
_chem_comp.id
_chem_comp.type
_chem_comp.name
_chem_comp.formula
NA non-polymer 'SODIUM ION' 'Na 1'
PO4 non-polymer 'PHOSPHATE ION' 'O4 P -3'
#
# COMPACT_ATOMS: atom_id res chain seq x y z
N LEU A 4 -12.77 7.16 16.40
CA LEU A 4 -12.52 7.77 17.74
C LEU A 4 -11.33 8.74 17.66
N PRO A 5 -11.17 9.69 18.62
CA PRO A 5 -10.06 10.66 18.56
C PRO A 5 -8.68 9.97 18.52
N GLY A 6 -7.87 10.36 17.54
CA GLY A 6 -6.48 9.85 17.36
C GLY A 6 -6.44 8.52 16.63
N ILE A 7 -7.54 8.11 15.99
CA ILE A 7 -7.49 6.89 15.13
C ILE A 7 -7.46 7.34 13.66
N VAL A 8 -6.47 6.85 12.93
CA VAL A 8 -6.35 7.01 11.46
C VAL A 8 -6.71 5.65 10.85
N ARG A 9 -7.70 5.63 9.95
CA ARG A 9 -8.06 4.41 9.19
C ARG A 9 -7.64 4.61 7.75
N LEU A 10 -6.95 3.61 7.20
CA LEU A 10 -6.54 3.68 5.78
C LEU A 10 -6.71 2.30 5.19
N SER A 11 -7.22 2.25 3.97
CA SER A 11 -7.27 1.02 3.17
C SER A 11 -6.43 1.25 1.92
N ILE A 12 -5.77 0.20 1.52
CA ILE A 12 -4.95 0.16 0.29
C ILE A 12 -5.55 -0.92 -0.60
N ALA A 13 -5.83 -0.58 -1.85
CA ALA A 13 -6.31 -1.53 -2.89
C ALA A 13 -5.40 -1.43 -4.10
N LEU A 14 -5.13 -2.59 -4.71
CA LEU A 14 -4.42 -2.64 -6.01
CA LEU A 14 -4.43 -2.66 -6.01
C LEU A 14 -5.35 -3.29 -7.04
N ARG A 15 -5.41 -2.72 -8.22
CA ARG A 15 -6.14 -3.31 -9.36
C ARG A 15 -5.18 -3.36 -10.54
N ILE A 16 -4.99 -4.56 -11.11
CA ILE A 16 -3.97 -4.75 -12.18
C ILE A 16 -4.49 -4.12 -13.47
N GLN A 17 -3.57 -3.46 -14.18
CA GLN A 17 -3.84 -2.78 -15.46
C GLN A 17 -3.65 -3.80 -16.56
N PRO A 18 -4.34 -3.65 -17.73
CA PRO A 18 -5.20 -2.51 -18.04
C PRO A 18 -6.69 -2.69 -17.64
N ASN A 19 -7.05 -3.90 -17.22
CA ASN A 19 -8.43 -4.37 -17.01
C ASN A 19 -8.99 -3.92 -15.65
N ASP A 20 -8.14 -3.39 -14.78
CA ASP A 20 -8.55 -3.05 -13.38
C ASP A 20 -9.02 -4.31 -12.66
N GLY A 21 -8.34 -5.43 -12.89
CA GLY A 21 -8.78 -6.68 -12.28
C GLY A 21 -8.28 -6.83 -10.86
N PRO A 22 -8.82 -7.84 -10.17
CA PRO A 22 -8.44 -8.11 -8.79
C PRO A 22 -7.02 -8.64 -8.63
N VAL A 23 -6.52 -8.45 -7.42
CA VAL A 23 -5.22 -9.00 -6.96
C VAL A 23 -5.53 -10.07 -5.92
N PHE A 24 -4.73 -11.12 -5.91
CA PHE A 24 -4.99 -12.33 -5.11
C PHE A 24 -3.85 -12.56 -4.13
N PHE A 25 -4.11 -13.31 -3.07
CA PHE A 25 -3.05 -13.83 -2.18
C PHE A 25 -3.07 -15.37 -2.22
N LYS A 26 -1.97 -15.91 -1.74
CA LYS A 26 -1.77 -17.35 -1.47
C LYS A 26 -1.24 -17.51 -0.05
N VAL A 27 -1.38 -18.69 0.53
CA VAL A 27 -0.90 -18.95 1.92
C VAL A 27 0.44 -19.71 1.81
N ASP A 28 1.46 -19.19 2.49
CA ASP A 28 2.82 -19.79 2.60
C ASP A 28 3.13 -19.92 4.11
N GLY A 29 3.19 -21.15 4.63
CA GLY A 29 3.60 -21.44 6.01
C GLY A 29 2.59 -20.97 7.06
N ASN A 35 1.55 -14.97 7.01
CA ASN A 35 1.40 -16.20 6.19
C ASN A 35 0.54 -15.91 4.93
N ARG A 36 0.14 -14.68 4.66
CA ARG A 36 -0.57 -14.36 3.38
C ARG A 36 0.43 -13.70 2.45
N THR A 37 0.60 -14.25 1.24
CA THR A 37 1.57 -13.72 0.25
C THR A 37 0.76 -13.05 -0.86
N ILE A 38 0.98 -11.75 -1.08
CA ILE A 38 0.29 -11.02 -2.19
C ILE A 38 1.02 -11.38 -3.49
N LYS A 39 0.26 -11.75 -4.52
CA LYS A 39 0.77 -12.15 -5.84
C LYS A 39 0.79 -10.90 -6.73
N LEU A 40 1.98 -10.42 -7.10
CA LEU A 40 2.10 -9.21 -7.95
C LEU A 40 2.87 -9.56 -9.20
N LEU A 41 2.60 -8.83 -10.27
CA LEU A 41 3.19 -9.07 -11.59
C LEU A 41 4.24 -7.98 -11.86
N THR A 42 5.43 -8.41 -12.27
CA THR A 42 6.48 -7.49 -12.77
C THR A 42 6.23 -7.12 -14.23
N GLY A 43 6.78 -5.99 -14.67
CA GLY A 43 6.65 -5.51 -16.05
C GLY A 43 5.27 -4.94 -16.33
N SER A 44 4.55 -4.61 -15.27
CA SER A 44 3.11 -4.28 -15.37
CA SER A 44 3.12 -4.26 -15.40
C SER A 44 2.84 -2.97 -14.63
N SER A 45 1.59 -2.76 -14.31
CA SER A 45 1.22 -1.58 -13.53
C SER A 45 -0.12 -1.84 -12.86
N TYR A 46 -0.34 -1.07 -11.78
CA TYR A 46 -1.51 -1.19 -10.92
C TYR A 46 -2.08 0.19 -10.62
N LYS A 47 -3.41 0.26 -10.66
CA LYS A 47 -4.16 1.32 -9.97
C LYS A 47 -4.02 1.09 -8.47
N VAL A 48 -3.59 2.11 -7.75
CA VAL A 48 -3.55 2.09 -6.27
C VAL A 48 -4.65 3.03 -5.78
N GLU A 49 -5.49 2.52 -4.89
CA GLU A 49 -6.63 3.27 -4.34
C GLU A 49 -6.53 3.24 -2.83
N VAL A 50 -6.41 4.44 -2.25
CA VAL A 50 -6.18 4.63 -0.80
C VAL A 50 -7.37 5.42 -0.27
N LYS A 51 -8.05 4.86 0.74
CA LYS A 51 -9.23 5.49 1.34
C LYS A 51 -8.93 5.80 2.79
N ILE A 52 -9.01 7.08 3.15
CA ILE A 52 -8.56 7.52 4.50
C ILE A 52 -9.67 8.22 5.25
N LYS A 53 -9.61 8.09 6.56
CA LYS A 53 -10.29 9.03 7.49
C LYS A 53 -9.43 9.20 8.72
N PRO A 54 -9.55 10.33 9.45
CA PRO A 54 -10.39 11.46 9.08
C PRO A 54 -10.07 12.18 7.77
N THR A 55 -11.07 12.86 7.19
CA THR A 55 -10.95 13.48 5.84
C THR A 55 -10.07 14.74 5.87
N THR A 56 -9.64 15.21 7.06
CA THR A 56 -8.71 16.35 7.24
C THR A 56 -7.27 15.91 6.97
N LEU A 57 -6.99 14.61 6.89
CA LEU A 57 -5.62 14.09 6.64
C LEU A 57 -5.15 14.46 5.23
N GLN A 58 -3.87 14.67 5.07
CA GLN A 58 -3.28 14.95 3.73
CA GLN A 58 -3.17 15.03 3.80
C GLN A 58 -2.15 13.95 3.42
C GLN A 58 -2.22 13.86 3.51
N VAL A 59 -2.33 13.00 2.49
N VAL A 59 -2.33 13.15 2.37
CA VAL A 59 -1.23 12.11 2.02
CA VAL A 59 -1.61 11.84 2.21
C VAL A 59 -0.66 12.67 0.72
C VAL A 59 -0.35 11.94 1.35
N GLU A 60 0.64 12.50 0.42
N GLU A 60 -0.29 12.75 0.28
CA GLU A 60 1.19 13.00 -0.88
CA GLU A 60 1.04 12.87 -0.40
C GLU A 60 1.44 11.81 -1.78
C GLU A 60 1.19 11.78 -1.47
N ASN A 61 1.74 10.67 -1.16
N ASN A 61 1.76 10.62 -1.07
CA ASN A 61 2.12 9.45 -1.93
C ASN A 61 2.22 8.21 -1.06
N ILE A 62 2.47 7.10 -1.72
CA ILE A 62 2.81 5.80 -1.09
C ILE A 62 3.98 5.24 -1.86
N SER A 63 4.92 4.64 -1.16
CA SER A 63 6.06 3.95 -1.77
C SER A 63 5.89 2.46 -1.50
N ILE A 64 6.10 1.65 -2.54
CA ILE A 64 5.96 0.16 -2.52
C ILE A 64 7.28 -0.47 -2.98
N GLY A 65 7.99 -1.16 -2.09
CA GLY A 65 9.30 -1.76 -2.42
C GLY A 65 10.26 -0.75 -3.02
N GLY A 66 10.21 0.51 -2.59
CA GLY A 66 11.13 1.55 -3.10
C GLY A 66 10.58 2.27 -4.33
N VAL A 67 9.47 1.80 -4.90
CA VAL A 67 8.82 2.50 -6.04
C VAL A 67 7.88 3.59 -5.54
N LEU A 68 8.08 4.82 -5.98
CA LEU A 68 7.22 5.97 -5.60
C LEU A 68 5.91 5.90 -6.40
N VAL A 69 4.80 6.00 -5.67
CA VAL A 69 3.45 6.14 -6.27
C VAL A 69 2.85 7.46 -5.84
N PRO A 70 2.95 8.50 -6.69
CA PRO A 70 2.34 9.78 -6.38
C PRO A 70 0.85 9.55 -6.25
N LEU A 71 0.25 10.06 -5.18
CA LEU A 71 -1.22 9.97 -5.00
C LEU A 71 -1.87 11.33 -5.22
N GLU A 72 -2.97 11.32 -5.96
CA GLU A 72 -3.81 12.49 -6.25
C GLU A 72 -5.12 12.30 -5.49
N LEU A 73 -5.47 13.30 -4.68
CA LEU A 73 -6.81 13.38 -4.06
C LEU A 73 -7.83 13.35 -5.18
N LYS A 74 -8.78 12.43 -5.14
CA LYS A 74 -9.76 12.26 -6.24
CA LYS A 74 -9.77 12.24 -6.24
C LYS A 74 -11.13 12.81 -5.83
N CYS A 75 -11.75 12.25 -4.78
CA CYS A 75 -13.12 12.61 -4.37
C CYS A 75 -13.49 11.92 -3.06
N LYS A 76 -14.75 12.07 -2.62
CA LYS A 76 -15.32 11.37 -1.45
C LYS A 76 -15.69 9.96 -1.87
N GLU A 77 -15.59 9.04 -0.93
CA GLU A 77 -15.79 7.60 -1.16
C GLU A 77 -17.23 7.43 -1.59
N PRO A 78 -17.54 6.82 -2.76
CA PRO A 78 -18.94 6.60 -3.12
C PRO A 78 -19.63 5.84 -1.98
N ASP A 79 -20.84 6.23 -1.57
CA ASP A 79 -21.62 5.48 -0.54
C ASP A 79 -20.82 5.40 0.78
N GLY A 80 -19.93 6.34 1.11
CA GLY A 80 -19.07 6.22 2.31
C GLY A 80 -18.62 7.56 2.87
N GLU A 81 -17.73 7.54 3.88
CA GLU A 81 -17.31 8.72 4.66
C GLU A 81 -15.79 8.95 4.58
N ARG A 82 -15.05 8.18 3.78
CA ARG A 82 -13.61 8.47 3.61
C ARG A 82 -13.36 9.34 2.38
N VAL A 83 -12.15 9.82 2.24
CA VAL A 83 -11.65 10.50 1.02
C VAL A 83 -10.74 9.52 0.25
N VAL A 84 -10.73 9.64 -1.08
CA VAL A 84 -10.11 8.61 -1.95
C VAL A 84 -8.95 9.26 -2.69
N TYR A 85 -7.76 8.67 -2.59
CA TYR A 85 -6.56 9.07 -3.34
C TYR A 85 -6.22 7.91 -4.28
N THR A 86 -5.83 8.19 -5.53
CA THR A 86 -5.37 7.12 -6.44
C THR A 86 -4.04 7.51 -7.08
N GLY A 87 -3.31 6.50 -7.52
CA GLY A 87 -2.06 6.66 -8.28
C GLY A 87 -1.81 5.42 -9.11
N ILE A 88 -0.73 5.43 -9.87
CA ILE A 88 -0.35 4.25 -10.68
C ILE A 88 0.98 3.74 -10.17
N TYR A 89 1.01 2.46 -9.80
CA TYR A 89 2.22 1.72 -9.35
C TYR A 89 2.78 0.97 -10.55
N ASP A 90 3.99 1.34 -10.96
CA ASP A 90 4.70 0.77 -12.13
C ASP A 90 5.68 -0.30 -11.64
N THR A 91 5.50 -1.56 -12.09
CA THR A 91 6.36 -2.68 -11.71
C THR A 91 7.34 -3.02 -12.84
N GLU A 92 7.43 -2.19 -13.87
CA GLU A 92 8.49 -2.38 -14.89
C GLU A 92 9.87 -2.19 -14.24
N GLY A 93 10.74 -3.19 -14.35
CA GLY A 93 12.09 -3.14 -13.74
C GLY A 93 12.19 -3.86 -12.41
N VAL A 94 11.08 -4.23 -11.78
CA VAL A 94 11.09 -5.04 -10.55
C VAL A 94 11.52 -6.45 -10.92
N ALA A 95 12.45 -7.02 -10.16
CA ALA A 95 12.98 -8.39 -10.39
C ALA A 95 11.89 -9.35 -9.92
N PRO A 96 11.60 -10.42 -10.69
CA PRO A 96 10.79 -11.52 -10.18
C PRO A 96 11.42 -12.15 -8.93
N THR A 97 10.59 -12.66 -8.04
CA THR A 97 11.01 -13.44 -6.85
C THR A 97 11.69 -14.73 -7.33
N LYS A 98 12.93 -15.00 -6.92
CA LYS A 98 13.71 -16.13 -7.53
C LYS A 98 13.56 -17.45 -6.78
N SER A 99 13.20 -17.40 -5.49
CA SER A 99 13.23 -18.58 -4.59
C SER A 99 12.37 -18.26 -3.38
N GLY A 100 11.88 -19.29 -2.72
CA GLY A 100 11.31 -19.16 -1.37
C GLY A 100 9.89 -18.64 -1.40
N GLU A 101 9.24 -18.58 -2.57
CA GLU A 101 7.78 -18.34 -2.76
C GLU A 101 7.35 -16.95 -2.25
N ARG A 102 8.22 -16.17 -1.62
CA ARG A 102 7.83 -14.81 -1.10
C ARG A 102 9.05 -14.01 -0.71
N GLN A 103 8.89 -12.70 -0.59
CA GLN A 103 9.94 -11.77 -0.11
C GLN A 103 9.30 -10.57 0.57
N PRO A 104 9.96 -9.91 1.55
CA PRO A 104 9.36 -8.79 2.25
C PRO A 104 9.54 -7.52 1.42
N ILE A 105 8.50 -6.70 1.29
CA ILE A 105 8.67 -5.37 0.66
CA ILE A 105 8.50 -5.40 0.57
C ILE A 105 8.06 -4.27 1.54
N GLN A 106 8.81 -3.18 1.60
CA GLN A 106 8.50 -2.05 2.49
C GLN A 106 7.40 -1.18 1.87
N ILE A 107 6.37 -0.88 2.66
CA ILE A 107 5.31 0.09 2.34
C ILE A 107 5.52 1.33 3.20
N THR A 108 5.46 2.49 2.61
CA THR A 108 5.62 3.75 3.39
C THR A 108 4.68 4.79 2.86
N MET A 109 3.91 5.42 3.74
CA MET A 109 2.95 6.46 3.34
C MET A 109 2.96 7.59 4.36
N PRO A 110 3.49 8.77 3.98
CA PRO A 110 3.50 9.93 4.86
C PRO A 110 2.17 10.70 4.88
N PHE A 111 1.69 11.00 6.07
CA PHE A 111 0.56 11.93 6.32
C PHE A 111 1.10 13.24 6.88
N THR A 112 0.94 14.30 6.11
CA THR A 112 1.58 15.60 6.41
C THR A 112 1.18 16.09 7.82
N ASP A 113 2.18 16.31 8.67
CA ASP A 113 2.02 16.91 10.02
C ASP A 113 1.15 16.01 10.89
N ILE A 114 1.15 14.70 10.62
CA ILE A 114 0.45 13.72 11.49
C ILE A 114 1.39 12.54 11.74
N GLY A 115 2.01 11.97 10.71
CA GLY A 115 2.91 10.83 10.87
C GLY A 115 2.99 9.95 9.65
N THR A 116 3.83 8.93 9.74
CA THR A 116 4.08 8.03 8.59
C THR A 116 3.58 6.63 8.90
N PHE A 117 2.83 6.06 7.95
CA PHE A 117 2.37 4.66 7.98
C PHE A 117 3.46 3.81 7.31
N GLU A 118 3.93 2.76 7.99
CA GLU A 118 4.87 1.78 7.43
C GLU A 118 4.40 0.37 7.81
N THR A 119 4.55 -0.56 6.87
CA THR A 119 4.32 -1.99 7.14
C THR A 119 5.14 -2.78 6.13
N VAL A 120 5.27 -4.07 6.37
CA VAL A 120 5.94 -4.97 5.42
C VAL A 120 4.87 -5.89 4.83
N TRP A 121 4.78 -5.91 3.51
CA TRP A 121 4.02 -6.98 2.80
C TRP A 121 4.95 -8.14 2.47
N GLN A 122 4.39 -9.34 2.50
CA GLN A 122 5.00 -10.54 1.91
C GLN A 122 4.44 -10.65 0.50
N VAL A 123 5.33 -10.69 -0.48
CA VAL A 123 4.95 -10.59 -1.91
C VAL A 123 5.70 -11.67 -2.69
N LYS A 124 5.03 -12.25 -3.67
CA LYS A 124 5.71 -12.97 -4.73
C LYS A 124 5.55 -12.14 -6.00
N PHE A 125 6.67 -11.73 -6.57
CA PHE A 125 6.76 -11.05 -7.87
C PHE A 125 6.93 -12.08 -8.97
N TYR A 126 5.96 -12.09 -9.87
CA TYR A 126 5.85 -13.03 -11.01
C TYR A 126 6.52 -12.40 -12.23
N ASN A 127 7.20 -13.23 -13.03
CA ASN A 127 7.65 -12.81 -14.38
C ASN A 127 6.45 -12.28 -15.17
N TYR A 128 6.63 -11.20 -15.90
CA TYR A 128 5.58 -10.60 -16.76
C TYR A 128 4.81 -11.67 -17.52
N HIS A 129 5.53 -12.65 -18.17
CA HIS A 129 4.83 -13.53 -19.14
C HIS A 129 4.14 -14.69 -18.40
N LYS A 130 4.23 -14.75 -17.07
CA LYS A 130 3.51 -15.73 -16.21
C LYS A 130 2.30 -15.06 -15.56
N ARG A 131 1.65 -14.13 -16.25
CA ARG A 131 0.47 -13.44 -15.66
C ARG A 131 -0.62 -14.45 -15.26
N ASP A 132 -0.80 -15.53 -16.02
CA ASP A 132 -1.81 -16.57 -15.66
C ASP A 132 -1.41 -17.32 -14.40
N HIS A 133 -0.13 -17.36 -14.01
CA HIS A 133 0.24 -17.92 -12.68
C HIS A 133 -0.11 -16.96 -11.54
N CYS A 134 -0.14 -15.66 -11.86
CA CYS A 134 -0.24 -14.58 -10.86
C CYS A 134 -1.71 -14.29 -10.58
N GLN A 135 -2.54 -14.19 -11.63
CA GLN A 135 -3.91 -13.63 -11.53
C GLN A 135 -4.89 -14.75 -11.15
N TRP A 136 -4.69 -15.33 -10.00
CA TRP A 136 -5.66 -16.29 -9.43
C TRP A 136 -5.26 -16.54 -7.99
N GLY A 137 -6.21 -17.07 -7.22
CA GLY A 137 -5.95 -17.37 -5.83
C GLY A 137 -7.16 -16.94 -5.03
C GLY A 137 -7.09 -16.97 -4.93
N SER A 138 -6.93 -16.25 -3.91
N SER A 138 -6.77 -16.81 -3.64
CA SER A 138 -7.98 -15.56 -3.11
CA SER A 138 -7.70 -16.36 -2.58
C SER A 138 -7.87 -14.06 -3.32
C SER A 138 -7.99 -14.88 -2.77
N PRO A 139 -8.82 -13.45 -4.07
N PRO A 139 -9.29 -14.52 -2.79
CA PRO A 139 -8.78 -12.01 -4.34
CA PRO A 139 -9.70 -13.17 -3.10
C PRO A 139 -9.05 -11.28 -3.03
C PRO A 139 -9.56 -12.20 -1.94
N PHE A 140 -8.38 -10.15 -2.79
N PHE A 140 -9.52 -10.89 -2.24
CA PHE A 140 -8.74 -9.25 -1.68
CA PHE A 140 -9.60 -9.71 -1.35
C PHE A 140 -9.01 -7.87 -2.26
C PHE A 140 -9.66 -8.44 -2.23
N SER A 141 -10.07 -7.26 -1.79
N SER A 141 -10.14 -7.28 -1.69
CA SER A 141 -10.43 -5.95 -2.30
C SER A 141 -9.47 -4.89 -1.75
N VAL A 142 -9.18 -4.97 -0.46
CA VAL A 142 -8.33 -3.97 0.26
C VAL A 142 -7.57 -4.65 1.38
N ILE A 143 -6.50 -3.98 1.84
CA ILE A 143 -5.91 -4.25 3.17
C ILE A 143 -6.22 -3.02 4.02
N GLU A 144 -6.91 -3.23 5.15
CA GLU A 144 -7.42 -2.17 6.05
C GLU A 144 -6.47 -2.06 7.25
N TYR A 145 -6.03 -0.85 7.58
CA TYR A 145 -5.09 -0.60 8.70
C TYR A 145 -5.72 0.38 9.67
N GLU A 146 -5.54 0.10 10.96
CA GLU A 146 -5.90 1.01 12.06
C GLU A 146 -4.60 1.55 12.65
N CYS A 147 -4.43 2.87 12.62
CA CYS A 147 -3.15 3.55 12.93
C CYS A 147 -3.39 4.57 14.02
N LYS A 148 -2.41 4.69 14.93
CA LYS A 148 -2.52 5.61 16.07
C LYS A 148 -1.26 6.47 16.11
N PRO A 149 -1.34 7.72 15.62
CA PRO A 149 -0.16 8.62 15.64
C PRO A 149 0.26 9.06 17.06
N ASN A 150 -0.62 8.93 18.03
CA ASN A 150 -0.29 9.33 19.42
C ASN A 150 -0.50 8.15 20.37
N GLU A 151 -0.39 6.92 19.86
CA GLU A 151 -0.30 5.75 20.74
C GLU A 151 0.96 6.00 21.58
N THR A 152 0.95 5.60 22.83
CA THR A 152 2.21 5.53 23.64
C THR A 152 3.36 5.00 22.82
N ARG A 153 3.13 3.93 22.05
CA ARG A 153 4.20 3.22 21.32
C ARG A 153 4.62 3.94 20.03
N SER A 154 3.84 4.92 19.55
CA SER A 154 4.25 5.64 18.31
C SER A 154 5.60 6.35 18.57
N LEU A 155 6.64 5.98 17.83
CA LEU A 155 7.97 6.61 17.99
C LEU A 155 7.93 8.08 17.56
N MET A 156 8.18 8.98 18.50
CA MET A 156 8.21 10.41 18.18
C MET A 156 9.40 10.70 17.26
N TRP A 157 9.25 11.68 16.36
CA TRP A 157 10.40 12.17 15.56
C TRP A 157 11.35 12.91 16.51
N VAL A 158 12.62 12.51 16.55
CA VAL A 158 13.65 13.24 17.33
C VAL A 158 14.31 14.25 16.38
N ASN A 159 14.03 15.53 16.60
CA ASN A 159 14.39 16.66 15.69
C ASN A 159 15.79 17.17 16.02
N LYS A 160 16.25 17.00 17.24
CA LYS A 160 17.55 17.61 17.63
C LYS A 160 18.02 16.99 18.93
N GLU A 161 19.33 16.87 19.06
CA GLU A 161 20.01 16.45 20.31
CA GLU A 161 20.04 16.42 20.30
C GLU A 161 21.12 17.46 20.62
N SER A 162 21.19 17.89 21.86
CA SER A 162 22.19 18.90 22.27
C SER A 162 22.76 18.56 23.64
N PHE A 163 24.08 18.46 23.75
CA PHE A 163 24.77 18.35 25.05
C PHE A 163 24.88 19.76 25.64
N LEU A 164 24.37 19.98 26.85
CA LEU A 164 24.49 21.28 27.56
C LEU A 164 25.17 21.10 28.93
NA NA B . 3.55 9.82 16.46
P PO4 C . 3.78 -20.79 -9.68
O1 PO4 C . 4.47 -20.21 -10.91
O2 PO4 C . 4.55 -22.01 -9.08
O3 PO4 C . 2.43 -21.31 -10.07
O4 PO4 C . 3.65 -19.72 -8.55
#